data_4ETM
#
_entry.id   4ETM
#
_cell.length_a   70.152
_cell.length_b   52.922
_cell.length_c   86.609
_cell.angle_alpha   90.00
_cell.angle_beta   102.84
_cell.angle_gamma   90.00
#
_symmetry.space_group_name_H-M   'C 1 2 1'
#
loop_
_entity.id
_entity.type
_entity.pdbx_description
1 polymer 'Low molecular weight protein-tyrosine-phosphatase yfkJ'
2 non-polymer 'PHOSPHATE ION'
3 non-polymer 'SODIUM ION'
4 non-polymer 'POTASSIUM ION'
5 water water
#
_entity_poly.entity_id   1
_entity_poly.type   'polypeptide(L)'
_entity_poly.pdbx_seq_one_letter_code
;GSHMASMTGGQQMGRGSMISVLFVCLGNICRSPMAEAIFRDLAAKKGLEGKIKADSAGIGGWHIGNPPHEGTQEILRREG
ISFDGMLARQVSEQDLDDFDYIIAMDAENIGSLRSMAGFKNTSHIKRLLDYVEDSDLADVPDPYYTGNFEEVCQLIKTGC
EQLLASIQKEKQL
;
_entity_poly.pdbx_strand_id   A,B
#
# COMPACT_ATOMS: atom_id res chain seq x y z
N GLY A 10 -1.05 17.23 -30.30
CA GLY A 10 0.29 17.53 -29.84
C GLY A 10 1.13 16.29 -29.58
N GLN A 11 2.44 16.44 -29.82
CA GLN A 11 3.39 15.32 -29.87
C GLN A 11 2.93 14.08 -30.65
N GLY A 14 3.52 11.52 -33.90
CA GLY A 14 4.63 11.18 -33.05
C GLY A 14 5.74 12.21 -33.11
N ARG A 15 5.89 12.99 -32.03
CA ARG A 15 6.93 13.99 -31.95
C ARG A 15 7.87 13.70 -30.77
N GLY A 16 8.86 12.85 -31.00
CA GLY A 16 9.78 12.47 -29.94
C GLY A 16 9.45 11.11 -29.35
N SER A 17 10.16 10.74 -28.29
CA SER A 17 10.01 9.43 -27.67
C SER A 17 8.63 9.20 -27.10
N MET A 18 8.19 7.94 -27.15
CA MET A 18 6.86 7.56 -26.73
C MET A 18 6.73 7.57 -25.21
N ILE A 19 5.61 8.08 -24.71
CA ILE A 19 5.34 8.10 -23.28
C ILE A 19 4.73 6.75 -22.91
N SER A 20 5.22 6.13 -21.86
CA SER A 20 4.72 4.82 -21.48
C SER A 20 4.04 4.84 -20.12
N VAL A 21 2.93 4.11 -20.02
CA VAL A 21 2.11 4.05 -18.83
C VAL A 21 1.86 2.59 -18.46
N LEU A 22 2.23 2.19 -17.25
CA LEU A 22 1.96 0.83 -16.76
C LEU A 22 0.89 0.88 -15.68
N PHE A 23 -0.23 0.20 -15.94
CA PHE A 23 -1.30 0.06 -14.95
C PHE A 23 -1.06 -1.18 -14.11
N VAL A 24 -1.18 -1.04 -12.80
CA VAL A 24 -0.85 -2.17 -11.92
C VAL A 24 -1.94 -2.45 -10.91
N CYS A 25 -2.35 -3.71 -10.84
CA CYS A 25 -3.27 -4.16 -9.80
C CYS A 25 -2.70 -5.42 -9.14
N LEU A 26 -3.53 -6.16 -8.45
CA LEU A 26 -3.06 -7.35 -7.72
C LEU A 26 -2.91 -8.55 -8.64
N GLY A 27 -3.98 -8.91 -9.35
CA GLY A 27 -3.94 -10.11 -10.16
C GLY A 27 -3.60 -9.90 -11.63
N ASN A 28 -3.79 -8.67 -12.07
CA ASN A 28 -3.67 -8.32 -13.48
C ASN A 28 -4.65 -9.14 -14.35
N ILE A 29 -5.84 -9.34 -13.81
CA ILE A 29 -6.94 -9.91 -14.60
C ILE A 29 -8.23 -9.08 -14.56
N CYS A 30 -8.43 -8.29 -13.52
CA CYS A 30 -9.65 -7.48 -13.45
C CYS A 30 -9.42 -5.99 -13.74
N ARG A 31 -8.77 -5.30 -12.81
CA ARG A 31 -8.67 -3.83 -12.88
C ARG A 31 -7.67 -3.27 -13.89
N SER A 32 -6.40 -3.65 -13.76
CA SER A 32 -5.39 -3.08 -14.65
C SER A 32 -5.61 -3.42 -16.13
N PRO A 33 -6.09 -4.63 -16.47
CA PRO A 33 -6.36 -4.81 -17.89
C PRO A 33 -7.50 -3.90 -18.36
N MET A 34 -8.51 -3.69 -17.50
CA MET A 34 -9.62 -2.81 -17.87
C MET A 34 -9.10 -1.39 -18.08
N ALA A 35 -8.18 -0.98 -17.20
CA ALA A 35 -7.63 0.36 -17.30
C ALA A 35 -6.76 0.50 -18.55
N GLU A 36 -5.89 -0.49 -18.76
CA GLU A 36 -5.07 -0.53 -19.97
C GLU A 36 -5.91 -0.33 -21.25
N ALA A 37 -6.94 -1.15 -21.42
CA ALA A 37 -7.79 -1.11 -22.61
C ALA A 37 -8.53 0.20 -22.72
N ILE A 38 -9.11 0.66 -21.61
CA ILE A 38 -9.89 1.90 -21.62
C ILE A 38 -9.00 3.10 -21.91
N PHE A 39 -7.86 3.16 -21.22
CA PHE A 39 -6.94 4.27 -21.40
C PHE A 39 -6.42 4.31 -22.83
N ARG A 40 -6.12 3.15 -23.40
CA ARG A 40 -5.65 3.07 -24.78
C ARG A 40 -6.71 3.65 -25.72
N ASP A 41 -7.97 3.30 -25.47
CA ASP A 41 -9.09 3.78 -26.27
C ASP A 41 -9.22 5.31 -26.20
N LEU A 42 -9.12 5.85 -24.98
CA LEU A 42 -9.17 7.30 -24.78
C LEU A 42 -8.04 8.00 -25.52
N ALA A 43 -6.82 7.48 -25.40
CA ALA A 43 -5.68 8.08 -26.10
C ALA A 43 -5.87 8.10 -27.61
N ALA A 44 -6.40 7.00 -28.15
CA ALA A 44 -6.64 6.90 -29.59
C ALA A 44 -7.65 7.95 -30.05
N LYS A 45 -8.68 8.18 -29.24
CA LYS A 45 -9.72 9.16 -29.56
C LYS A 45 -9.13 10.57 -29.67
N LYS A 46 -8.07 10.81 -28.90
CA LYS A 46 -7.40 12.10 -28.89
C LYS A 46 -6.33 12.17 -29.97
N GLY A 47 -6.16 11.07 -30.71
CA GLY A 47 -5.14 11.00 -31.74
C GLY A 47 -3.74 10.95 -31.17
N LEU A 48 -3.58 10.19 -30.08
CA LEU A 48 -2.28 10.11 -29.42
C LEU A 48 -1.66 8.72 -29.47
N GLU A 49 -2.17 7.87 -30.36
CA GLU A 49 -1.63 6.52 -30.51
C GLU A 49 -0.15 6.49 -30.83
N GLY A 50 0.36 7.57 -31.42
CA GLY A 50 1.76 7.64 -31.79
C GLY A 50 2.65 8.26 -30.73
N LYS A 51 2.06 8.63 -29.60
CA LYS A 51 2.81 9.31 -28.54
C LYS A 51 2.72 8.61 -27.19
N ILE A 52 1.59 7.96 -26.92
CA ILE A 52 1.39 7.28 -25.64
C ILE A 52 1.17 5.77 -25.81
N LYS A 53 1.88 4.97 -25.01
CA LYS A 53 1.72 3.53 -25.03
C LYS A 53 1.37 3.04 -23.63
N ALA A 54 0.42 2.11 -23.53
CA ALA A 54 0.03 1.58 -22.22
C ALA A 54 0.21 0.06 -22.13
N ASP A 55 0.43 -0.44 -20.90
CA ASP A 55 0.55 -1.86 -20.62
C ASP A 55 -0.01 -2.06 -19.23
N SER A 56 -0.11 -3.30 -18.77
CA SER A 56 -0.51 -3.53 -17.38
C SER A 56 0.31 -4.64 -16.77
N ALA A 57 0.19 -4.88 -15.48
CA ALA A 57 0.91 -5.98 -14.84
C ALA A 57 0.39 -6.11 -13.43
N GLY A 58 0.63 -7.26 -12.80
CA GLY A 58 0.10 -7.50 -11.48
C GLY A 58 1.16 -7.68 -10.42
N ILE A 59 0.80 -7.36 -9.18
CA ILE A 59 1.67 -7.64 -8.06
C ILE A 59 1.91 -9.13 -7.87
N GLY A 60 0.83 -9.91 -7.96
CA GLY A 60 0.89 -11.34 -7.68
C GLY A 60 1.05 -12.13 -8.96
N GLY A 61 1.31 -13.43 -8.81
CA GLY A 61 1.60 -14.26 -9.97
C GLY A 61 0.62 -15.39 -10.24
N TRP A 62 -0.52 -15.39 -9.56
CA TRP A 62 -1.47 -16.51 -9.70
C TRP A 62 -2.02 -16.68 -11.11
N HIS A 63 -2.09 -15.60 -11.88
CA HIS A 63 -2.84 -15.63 -13.14
C HIS A 63 -1.99 -15.39 -14.37
N ILE A 64 -0.67 -15.36 -14.18
CA ILE A 64 0.27 -15.17 -15.30
C ILE A 64 -0.11 -15.96 -16.55
N GLY A 65 -0.25 -15.24 -17.65
CA GLY A 65 -0.55 -15.86 -18.92
C GLY A 65 -2.02 -15.97 -19.27
N ASN A 66 -2.89 -15.63 -18.32
CA ASN A 66 -4.34 -15.68 -18.55
C ASN A 66 -4.93 -14.38 -19.10
N PRO A 67 -5.99 -14.48 -19.89
CA PRO A 67 -6.71 -13.31 -20.40
C PRO A 67 -7.46 -12.64 -19.27
N PRO A 68 -8.01 -11.44 -19.50
CA PRO A 68 -8.69 -10.81 -18.37
C PRO A 68 -9.87 -11.63 -17.85
N HIS A 69 -10.24 -11.37 -16.60
CA HIS A 69 -11.40 -11.96 -15.98
C HIS A 69 -12.62 -11.79 -16.89
N GLU A 70 -13.55 -12.74 -16.84
CA GLU A 70 -14.77 -12.65 -17.66
C GLU A 70 -15.57 -11.37 -17.44
N GLY A 71 -15.56 -10.87 -16.21
CA GLY A 71 -16.29 -9.67 -15.84
C GLY A 71 -15.72 -8.46 -16.56
N THR A 72 -14.41 -8.42 -16.66
CA THR A 72 -13.72 -7.35 -17.37
C THR A 72 -13.91 -7.49 -18.88
N GLN A 73 -13.88 -8.73 -19.39
CA GLN A 73 -14.16 -8.94 -20.80
C GLN A 73 -15.56 -8.45 -21.15
N GLU A 74 -16.52 -8.73 -20.27
CA GLU A 74 -17.89 -8.32 -20.52
C GLU A 74 -18.06 -6.81 -20.53
N ILE A 75 -17.41 -6.15 -19.57
CA ILE A 75 -17.42 -4.70 -19.51
C ILE A 75 -16.86 -4.15 -20.81
N LEU A 76 -15.70 -4.64 -21.21
CA LEU A 76 -15.04 -4.14 -22.42
C LEU A 76 -15.88 -4.38 -23.67
N ARG A 77 -16.51 -5.55 -23.76
CA ARG A 77 -17.39 -5.82 -24.89
C ARG A 77 -18.50 -4.77 -24.94
N ARG A 78 -19.06 -4.45 -23.78
CA ARG A 78 -20.13 -3.46 -23.71
C ARG A 78 -19.65 -2.11 -24.22
N GLU A 79 -18.44 -1.75 -23.81
CA GLU A 79 -17.87 -0.47 -24.21
C GLU A 79 -17.35 -0.52 -25.65
N GLY A 80 -17.44 -1.69 -26.27
CA GLY A 80 -16.92 -1.87 -27.62
C GLY A 80 -15.42 -1.61 -27.70
N ILE A 81 -14.72 -2.01 -26.63
CA ILE A 81 -13.28 -1.85 -26.57
C ILE A 81 -12.58 -3.21 -26.67
N SER A 82 -11.56 -3.28 -27.53
CA SER A 82 -10.83 -4.53 -27.75
C SER A 82 -9.85 -4.85 -26.63
N PHE A 83 -9.53 -6.13 -26.48
CA PHE A 83 -8.50 -6.57 -25.54
C PHE A 83 -7.70 -7.73 -26.12
N ASP A 84 -7.67 -7.82 -27.45
CA ASP A 84 -6.92 -8.84 -28.17
C ASP A 84 -5.46 -8.90 -27.74
N GLY A 85 -5.01 -10.08 -27.34
CA GLY A 85 -3.62 -10.30 -26.98
C GLY A 85 -3.23 -9.89 -25.57
N MET A 86 -4.19 -9.39 -24.79
CA MET A 86 -3.90 -8.99 -23.42
C MET A 86 -3.88 -10.22 -22.50
N LEU A 87 -2.72 -10.48 -21.87
CA LEU A 87 -2.53 -11.69 -21.08
C LEU A 87 -1.74 -11.38 -19.82
N ALA A 88 -2.26 -11.74 -18.65
CA ALA A 88 -1.64 -11.36 -17.38
C ALA A 88 -0.14 -11.61 -17.26
N ARG A 89 0.54 -10.69 -16.57
CA ARG A 89 1.95 -10.82 -16.26
C ARG A 89 2.22 -10.19 -14.91
N GLN A 90 3.33 -10.57 -14.30
CA GLN A 90 3.67 -10.08 -12.98
C GLN A 90 4.70 -8.97 -13.13
N VAL A 91 4.50 -7.87 -12.41
CA VAL A 91 5.42 -6.75 -12.48
C VAL A 91 6.80 -7.12 -11.93
N SER A 92 7.83 -6.48 -12.46
CA SER A 92 9.19 -6.73 -12.02
C SER A 92 9.91 -5.41 -11.79
N GLU A 93 11.07 -5.50 -11.16
CA GLU A 93 11.88 -4.31 -10.88
C GLU A 93 12.18 -3.50 -12.13
N GLN A 94 12.42 -4.18 -13.24
CA GLN A 94 12.76 -3.48 -14.48
C GLN A 94 11.63 -2.61 -15.00
N ASP A 95 10.39 -2.99 -14.71
CA ASP A 95 9.24 -2.18 -15.08
C ASP A 95 9.30 -0.79 -14.46
N LEU A 96 9.87 -0.69 -13.26
CA LEU A 96 9.96 0.59 -12.57
C LEU A 96 10.76 1.60 -13.41
N ASP A 97 11.87 1.15 -13.98
CA ASP A 97 12.72 2.05 -14.74
C ASP A 97 12.22 2.25 -16.16
N ASP A 98 11.43 1.29 -16.66
CA ASP A 98 11.01 1.29 -18.06
C ASP A 98 9.87 2.27 -18.36
N PHE A 99 8.93 2.37 -17.43
CA PHE A 99 7.72 3.14 -17.68
C PHE A 99 7.75 4.52 -17.07
N ASP A 100 7.25 5.50 -17.81
CA ASP A 100 7.26 6.88 -17.36
C ASP A 100 6.28 7.09 -16.20
N TYR A 101 5.13 6.41 -16.27
CA TYR A 101 4.11 6.47 -15.24
C TYR A 101 3.79 5.08 -14.77
N ILE A 102 3.74 4.87 -13.47
CA ILE A 102 3.20 3.62 -12.96
C ILE A 102 1.94 3.94 -12.17
N ILE A 103 0.81 3.40 -12.61
CA ILE A 103 -0.50 3.79 -12.11
C ILE A 103 -1.14 2.59 -11.41
N ALA A 104 -1.13 2.62 -10.08
CA ALA A 104 -1.68 1.53 -9.25
C ALA A 104 -3.15 1.69 -8.99
N MET A 105 -3.86 0.58 -8.77
CA MET A 105 -5.30 0.66 -8.52
C MET A 105 -5.66 1.01 -7.08
N ASP A 106 -4.81 0.59 -6.14
CA ASP A 106 -5.05 0.88 -4.73
C ASP A 106 -3.78 1.03 -3.89
N ALA A 107 -3.97 1.35 -2.62
CA ALA A 107 -2.86 1.69 -1.75
C ALA A 107 -2.00 0.46 -1.49
N GLU A 108 -2.64 -0.70 -1.34
CA GLU A 108 -1.86 -1.93 -1.21
C GLU A 108 -0.90 -2.15 -2.38
N ASN A 109 -1.39 -1.89 -3.59
CA ASN A 109 -0.56 -2.04 -4.78
C ASN A 109 0.67 -1.13 -4.71
N ILE A 110 0.44 0.11 -4.28
CA ILE A 110 1.53 1.07 -4.12
C ILE A 110 2.56 0.53 -3.15
N GLY A 111 2.09 0.02 -2.02
CA GLY A 111 2.96 -0.53 -1.01
C GLY A 111 3.77 -1.72 -1.53
N SER A 112 3.12 -2.56 -2.33
CA SER A 112 3.83 -3.71 -2.91
C SER A 112 4.93 -3.25 -3.86
N LEU A 113 4.66 -2.22 -4.66
CA LEU A 113 5.66 -1.71 -5.59
C LEU A 113 6.81 -1.10 -4.78
N ARG A 114 6.50 -0.55 -3.61
CA ARG A 114 7.54 0.07 -2.77
C ARG A 114 8.49 -0.96 -2.18
N SER A 115 7.95 -2.11 -1.80
CA SER A 115 8.72 -3.24 -1.32
C SER A 115 9.63 -3.79 -2.43
N MET A 116 9.23 -3.59 -3.68
CA MET A 116 9.94 -4.15 -4.82
C MET A 116 11.06 -3.24 -5.30
N ALA A 117 10.96 -1.96 -4.98
CA ALA A 117 11.76 -0.92 -5.63
C ALA A 117 13.22 -0.83 -5.18
N GLY A 118 13.52 -1.29 -3.96
CA GLY A 118 14.87 -1.16 -3.45
C GLY A 118 15.32 0.28 -3.42
N PHE A 119 16.43 0.58 -4.11
CA PHE A 119 16.96 1.94 -4.13
C PHE A 119 16.43 2.75 -5.30
N LYS A 120 15.63 2.13 -6.15
CA LYS A 120 15.09 2.80 -7.33
C LYS A 120 14.11 3.90 -6.98
N ASN A 121 14.06 4.92 -7.83
CA ASN A 121 13.11 6.00 -7.66
C ASN A 121 11.65 5.52 -7.78
N THR A 122 10.80 6.01 -6.89
CA THR A 122 9.41 5.60 -6.85
C THR A 122 8.45 6.78 -7.00
N SER A 123 8.98 7.93 -7.40
CA SER A 123 8.18 9.13 -7.40
C SER A 123 7.12 9.15 -8.51
N HIS A 124 7.28 8.26 -9.49
CA HIS A 124 6.33 8.17 -10.59
C HIS A 124 5.22 7.13 -10.35
N ILE A 125 5.13 6.63 -9.12
CA ILE A 125 4.13 5.62 -8.79
C ILE A 125 2.97 6.29 -8.05
N LYS A 126 1.80 6.35 -8.68
CA LYS A 126 0.63 6.98 -8.08
C LYS A 126 -0.60 6.09 -8.26
N ARG A 127 -1.65 6.32 -7.46
CA ARG A 127 -2.93 5.64 -7.66
C ARG A 127 -3.72 6.29 -8.79
N LEU A 128 -4.48 5.49 -9.53
CA LEU A 128 -5.35 6.02 -10.59
C LEU A 128 -6.24 7.14 -10.07
N LEU A 129 -6.90 6.92 -8.94
CA LEU A 129 -7.84 7.92 -8.43
C LEU A 129 -7.18 9.13 -7.76
N ASP A 130 -5.84 9.12 -7.65
CA ASP A 130 -5.09 10.31 -7.23
C ASP A 130 -5.27 11.41 -8.29
N TYR A 131 -5.53 11.01 -9.53
CA TYR A 131 -5.72 11.97 -10.61
C TYR A 131 -7.13 12.55 -10.71
N VAL A 132 -8.08 11.91 -10.04
CA VAL A 132 -9.43 12.43 -9.95
C VAL A 132 -9.46 13.36 -8.75
N GLU A 133 -9.12 14.62 -8.98
CA GLU A 133 -9.06 15.58 -7.90
C GLU A 133 -10.33 16.40 -7.90
N ASP A 134 -11.20 16.14 -6.93
CA ASP A 134 -10.96 15.14 -5.90
C ASP A 134 -12.24 14.40 -5.59
N SER A 135 -12.21 13.08 -5.71
CA SER A 135 -13.37 12.28 -5.36
C SER A 135 -13.27 11.72 -3.96
N ASP A 136 -12.37 10.75 -3.77
CA ASP A 136 -12.32 9.95 -2.54
C ASP A 136 -13.68 9.27 -2.36
N LEU A 137 -13.87 8.01 -2.77
CA LEU A 137 -12.88 6.97 -3.15
C LEU A 137 -11.45 7.28 -3.68
N ALA A 138 -10.48 6.64 -3.04
CA ALA A 138 -9.08 6.75 -3.42
C ALA A 138 -8.59 5.43 -3.99
N ASP A 139 -9.27 4.35 -3.64
CA ASP A 139 -8.87 3.03 -4.11
C ASP A 139 -9.91 2.45 -5.07
N VAL A 140 -9.44 1.80 -6.14
CA VAL A 140 -10.34 1.03 -6.97
C VAL A 140 -10.57 -0.32 -6.31
N PRO A 141 -11.82 -0.61 -5.92
CA PRO A 141 -12.06 -1.92 -5.28
C PRO A 141 -11.76 -3.10 -6.19
N ASP A 142 -11.33 -4.20 -5.59
CA ASP A 142 -10.97 -5.39 -6.35
C ASP A 142 -12.20 -6.24 -6.57
N PRO A 143 -12.68 -6.32 -7.81
CA PRO A 143 -13.91 -7.06 -8.14
C PRO A 143 -13.69 -8.57 -8.13
N TYR A 144 -12.44 -9.00 -8.08
CA TYR A 144 -12.16 -10.42 -7.88
C TYR A 144 -12.78 -10.82 -6.55
N TYR A 145 -12.73 -9.90 -5.59
CA TYR A 145 -13.29 -10.13 -4.27
C TYR A 145 -14.70 -9.56 -4.10
N THR A 146 -14.94 -8.34 -4.59
CA THR A 146 -16.25 -7.71 -4.36
C THR A 146 -17.35 -8.25 -5.25
N GLY A 147 -16.99 -8.71 -6.46
CA GLY A 147 -17.96 -9.09 -7.47
C GLY A 147 -18.60 -7.95 -8.25
N ASN A 148 -18.14 -6.73 -7.99
CA ASN A 148 -18.77 -5.56 -8.58
C ASN A 148 -17.92 -4.98 -9.70
N PHE A 149 -18.18 -5.43 -10.90
CA PHE A 149 -17.47 -4.94 -12.07
C PHE A 149 -18.00 -3.61 -12.58
N GLU A 150 -19.28 -3.34 -12.31
CA GLU A 150 -19.89 -2.10 -12.76
C GLU A 150 -19.25 -0.87 -12.12
N GLU A 151 -19.03 -0.90 -10.80
CA GLU A 151 -18.50 0.29 -10.14
C GLU A 151 -17.02 0.47 -10.48
N VAL A 152 -16.33 -0.64 -10.75
CA VAL A 152 -14.93 -0.60 -11.17
C VAL A 152 -14.85 0.05 -12.55
N CYS A 153 -15.74 -0.32 -13.47
CA CYS A 153 -15.81 0.34 -14.76
C CYS A 153 -15.98 1.85 -14.63
N GLN A 154 -16.94 2.27 -13.80
CA GLN A 154 -17.20 3.69 -13.63
C GLN A 154 -15.97 4.43 -13.11
N LEU A 155 -15.35 3.85 -12.09
CA LEU A 155 -14.16 4.45 -11.49
C LEU A 155 -12.99 4.51 -12.46
N ILE A 156 -12.78 3.45 -13.21
CA ILE A 156 -11.65 3.38 -14.10
C ILE A 156 -11.84 4.29 -15.30
N LYS A 157 -13.10 4.46 -15.76
CA LYS A 157 -13.36 5.42 -16.83
C LYS A 157 -12.97 6.85 -16.43
N THR A 158 -13.48 7.31 -15.29
CA THR A 158 -13.18 8.68 -14.85
C THR A 158 -11.69 8.85 -14.54
N GLY A 159 -11.11 7.84 -13.92
CA GLY A 159 -9.71 7.92 -13.57
C GLY A 159 -8.84 8.04 -14.81
N CYS A 160 -9.12 7.22 -15.82
CA CYS A 160 -8.33 7.24 -17.06
C CYS A 160 -8.50 8.55 -17.81
N GLU A 161 -9.70 9.11 -17.77
CA GLU A 161 -9.96 10.41 -18.36
C GLU A 161 -9.09 11.50 -17.74
N GLN A 162 -9.07 11.56 -16.41
CA GLN A 162 -8.30 12.57 -15.70
C GLN A 162 -6.80 12.32 -15.87
N LEU A 163 -6.41 11.05 -15.80
CA LEU A 163 -5.01 10.68 -15.98
C LEU A 163 -4.50 11.16 -17.34
N LEU A 164 -5.23 10.82 -18.40
CA LEU A 164 -4.86 11.26 -19.75
C LEU A 164 -4.75 12.78 -19.86
N ALA A 165 -5.66 13.51 -19.22
CA ALA A 165 -5.63 14.97 -19.25
C ALA A 165 -4.38 15.52 -18.54
N SER A 166 -4.02 14.87 -17.42
CA SER A 166 -2.86 15.24 -16.63
C SER A 166 -1.59 15.02 -17.44
N ILE A 167 -1.53 13.89 -18.14
CA ILE A 167 -0.40 13.61 -19.00
C ILE A 167 -0.33 14.59 -20.17
N GLN A 168 -1.47 14.93 -20.75
CA GLN A 168 -1.51 15.91 -21.84
C GLN A 168 -1.03 17.29 -21.39
N LYS A 169 -1.40 17.68 -20.18
CA LYS A 169 -0.94 18.95 -19.62
C LYS A 169 0.55 18.91 -19.25
N GLU A 170 0.96 17.83 -18.60
CA GLU A 170 2.35 17.70 -18.14
C GLU A 170 3.37 17.61 -19.28
N LYS A 171 3.13 16.69 -20.20
CA LYS A 171 4.03 16.49 -21.34
C LYS A 171 3.71 17.47 -22.46
N GLN A 172 2.80 18.41 -22.17
CA GLN A 172 2.37 19.42 -23.15
C GLN A 172 1.97 18.77 -24.47
N LEU A 173 1.23 17.67 -24.35
CA LEU A 173 0.78 16.87 -25.48
C LEU A 173 1.95 16.16 -26.17
N GLY B 14 4.73 -16.52 31.84
CA GLY B 14 3.70 -17.25 32.57
C GLY B 14 3.62 -18.71 32.14
N ARG B 15 2.57 -19.06 31.41
CA ARG B 15 2.44 -20.39 30.80
C ARG B 15 2.73 -20.29 29.32
N GLY B 16 3.86 -20.86 28.91
CA GLY B 16 4.21 -20.89 27.50
C GLY B 16 5.08 -19.75 27.04
N SER B 17 5.16 -19.59 25.73
CA SER B 17 6.13 -18.72 25.10
C SER B 17 5.75 -17.25 25.15
N MET B 18 6.79 -16.42 25.09
CA MET B 18 6.61 -14.98 25.03
C MET B 18 5.87 -14.63 23.75
N ILE B 19 4.92 -13.71 23.84
CA ILE B 19 4.25 -13.20 22.66
C ILE B 19 5.08 -12.03 22.13
N SER B 20 5.27 -11.96 20.81
CA SER B 20 5.97 -10.84 20.20
C SER B 20 5.12 -10.10 19.17
N VAL B 21 5.23 -8.77 19.20
CA VAL B 21 4.44 -7.89 18.35
C VAL B 21 5.41 -7.00 17.58
N LEU B 22 5.28 -7.00 16.25
CA LEU B 22 6.08 -6.09 15.41
C LEU B 22 5.21 -5.04 14.77
N PHE B 23 5.51 -3.77 15.07
CA PHE B 23 4.85 -2.63 14.43
C PHE B 23 5.61 -2.20 13.19
N VAL B 24 4.89 -2.03 12.08
CA VAL B 24 5.54 -1.74 10.82
C VAL B 24 4.97 -0.48 10.18
N CYS B 25 5.87 0.44 9.83
CA CYS B 25 5.50 1.58 9.00
C CYS B 25 6.48 1.72 7.83
N LEU B 26 6.48 2.89 7.20
CA LEU B 26 7.30 3.07 6.00
C LEU B 26 8.74 3.35 6.37
N GLY B 27 8.96 4.36 7.21
CA GLY B 27 10.32 4.79 7.49
C GLY B 27 10.90 4.21 8.76
N ASN B 28 10.01 3.74 9.64
CA ASN B 28 10.35 3.31 11.00
C ASN B 28 11.08 4.40 11.79
N ILE B 29 10.67 5.65 11.54
CA ILE B 29 11.08 6.76 12.37
C ILE B 29 9.94 7.53 13.02
N CYS B 30 8.74 7.49 12.43
CA CYS B 30 7.61 8.24 12.99
C CYS B 30 6.57 7.37 13.69
N ARG B 31 5.82 6.57 12.92
CA ARG B 31 4.65 5.86 13.46
C ARG B 31 5.01 4.62 14.25
N SER B 32 5.64 3.65 13.62
CA SER B 32 5.92 2.39 14.29
C SER B 32 6.77 2.51 15.58
N PRO B 33 7.78 3.40 15.61
CA PRO B 33 8.46 3.59 16.89
C PRO B 33 7.53 4.16 17.97
N MET B 34 6.65 5.09 17.61
CA MET B 34 5.68 5.62 18.54
C MET B 34 4.81 4.51 19.09
N ALA B 35 4.33 3.64 18.20
CA ALA B 35 3.52 2.50 18.62
C ALA B 35 4.28 1.52 19.49
N GLU B 36 5.52 1.20 19.11
CA GLU B 36 6.34 0.28 19.89
C GLU B 36 6.47 0.77 21.34
N ALA B 37 6.77 2.06 21.50
CA ALA B 37 7.03 2.63 22.83
C ALA B 37 5.75 2.74 23.66
N ILE B 38 4.67 3.19 23.03
CA ILE B 38 3.38 3.25 23.70
C ILE B 38 2.87 1.87 24.12
N PHE B 39 2.89 0.90 23.20
CA PHE B 39 2.48 -0.47 23.51
C PHE B 39 3.32 -1.08 24.62
N ARG B 40 4.64 -0.93 24.53
CA ARG B 40 5.52 -1.40 25.59
C ARG B 40 5.17 -0.81 26.95
N ASP B 41 4.83 0.47 26.98
CA ASP B 41 4.50 1.18 28.21
C ASP B 41 3.17 0.68 28.77
N LEU B 42 2.19 0.46 27.88
CA LEU B 42 0.90 -0.06 28.31
C LEU B 42 1.05 -1.45 28.90
N ALA B 43 1.85 -2.28 28.24
CA ALA B 43 2.09 -3.65 28.70
C ALA B 43 2.78 -3.68 30.06
N ALA B 44 3.77 -2.80 30.23
CA ALA B 44 4.49 -2.69 31.49
C ALA B 44 3.52 -2.38 32.63
N LYS B 45 2.63 -1.43 32.38
CA LYS B 45 1.65 -1.02 33.39
C LYS B 45 0.65 -2.10 33.72
N LYS B 46 0.42 -3.04 32.79
CA LYS B 46 -0.46 -4.18 33.06
C LYS B 46 0.31 -5.32 33.71
N GLY B 47 1.60 -5.12 33.90
CA GLY B 47 2.45 -6.14 34.48
C GLY B 47 2.69 -7.29 33.52
N LEU B 48 2.76 -6.99 32.23
CA LEU B 48 2.85 -8.03 31.21
C LEU B 48 4.21 -8.04 30.54
N GLU B 49 5.18 -7.33 31.12
CA GLU B 49 6.48 -7.18 30.47
C GLU B 49 7.28 -8.48 30.39
N GLY B 50 6.90 -9.45 31.22
CA GLY B 50 7.53 -10.76 31.16
C GLY B 50 6.79 -11.72 30.27
N LYS B 51 5.72 -11.25 29.62
CA LYS B 51 4.85 -12.10 28.81
C LYS B 51 4.68 -11.62 27.36
N ILE B 52 4.95 -10.35 27.10
CA ILE B 52 4.77 -9.82 25.76
C ILE B 52 5.89 -8.82 25.45
N LYS B 53 6.40 -8.88 24.22
CA LYS B 53 7.51 -8.03 23.83
C LYS B 53 7.16 -7.36 22.53
N ALA B 54 7.67 -6.14 22.34
CA ALA B 54 7.39 -5.37 21.14
C ALA B 54 8.66 -4.90 20.45
N ASP B 55 8.54 -4.76 19.13
CA ASP B 55 9.61 -4.20 18.29
C ASP B 55 8.95 -3.43 17.16
N SER B 56 9.74 -2.74 16.35
CA SER B 56 9.17 -2.12 15.15
C SER B 56 10.13 -2.26 13.99
N ALA B 57 9.72 -1.90 12.79
CA ALA B 57 10.60 -2.01 11.64
C ALA B 57 9.90 -1.30 10.52
N GLY B 58 10.67 -0.93 9.49
CA GLY B 58 10.11 -0.20 8.38
C GLY B 58 10.23 -0.94 7.06
N ILE B 59 9.31 -0.64 6.16
CA ILE B 59 9.42 -1.15 4.80
C ILE B 59 10.64 -0.58 4.08
N GLY B 60 10.89 0.72 4.23
CA GLY B 60 11.99 1.37 3.54
C GLY B 60 13.28 1.40 4.36
N GLY B 61 14.38 1.79 3.72
CA GLY B 61 15.67 1.73 4.37
C GLY B 61 16.44 3.03 4.52
N TRP B 62 15.84 4.16 4.13
CA TRP B 62 16.51 5.45 4.22
C TRP B 62 17.00 5.79 5.61
N HIS B 63 16.29 5.31 6.62
CA HIS B 63 16.54 5.78 7.96
C HIS B 63 17.18 4.76 8.88
N ILE B 64 17.54 3.60 8.34
CA ILE B 64 18.13 2.52 9.12
C ILE B 64 19.22 3.03 10.07
N GLY B 65 19.09 2.66 11.34
CA GLY B 65 20.10 2.97 12.33
C GLY B 65 19.89 4.30 13.05
N ASN B 66 18.85 5.03 12.66
CA ASN B 66 18.61 6.35 13.25
C ASN B 66 17.54 6.31 14.34
N PRO B 67 17.61 7.25 15.30
CA PRO B 67 16.60 7.32 16.36
C PRO B 67 15.27 7.81 15.79
N PRO B 68 14.18 7.71 16.57
CA PRO B 68 12.90 8.14 16.02
C PRO B 68 12.91 9.62 15.62
N HIS B 69 12.02 9.99 14.69
CA HIS B 69 11.84 11.39 14.26
C HIS B 69 11.67 12.32 15.48
N GLU B 70 12.17 13.55 15.36
CA GLU B 70 12.04 14.54 16.44
C GLU B 70 10.58 14.73 16.88
N GLY B 71 9.65 14.62 15.93
CA GLY B 71 8.24 14.80 16.21
C GLY B 71 7.71 13.71 17.13
N THR B 72 8.22 12.50 16.92
CA THR B 72 7.83 11.35 17.73
C THR B 72 8.51 11.41 19.10
N GLN B 73 9.79 11.80 19.11
CA GLN B 73 10.52 12.01 20.37
C GLN B 73 9.81 13.00 21.26
N GLU B 74 9.31 14.08 20.65
CA GLU B 74 8.61 15.12 21.41
C GLU B 74 7.30 14.60 21.99
N ILE B 75 6.59 13.80 21.22
CA ILE B 75 5.32 13.23 21.67
C ILE B 75 5.55 12.29 22.85
N LEU B 76 6.50 11.37 22.67
CA LEU B 76 6.79 10.38 23.70
C LEU B 76 7.26 11.06 25.00
N ARG B 77 8.17 12.02 24.85
CA ARG B 77 8.65 12.81 25.97
C ARG B 77 7.52 13.38 26.81
N ARG B 78 6.53 14.00 26.16
CA ARG B 78 5.40 14.59 26.89
C ARG B 78 4.44 13.56 27.50
N GLU B 79 4.44 12.35 26.95
CA GLU B 79 3.68 11.25 27.55
C GLU B 79 4.47 10.65 28.71
N GLY B 80 5.77 10.96 28.76
CA GLY B 80 6.63 10.40 29.77
C GLY B 80 7.07 9.00 29.44
N ILE B 81 7.13 8.69 28.15
CA ILE B 81 7.48 7.36 27.68
C ILE B 81 8.90 7.30 27.13
N SER B 82 9.68 6.36 27.64
CA SER B 82 11.05 6.17 27.19
C SER B 82 11.11 5.57 25.78
N PHE B 83 12.18 5.92 25.06
CA PHE B 83 12.47 5.31 23.78
C PHE B 83 13.97 5.09 23.63
N ASP B 84 14.65 4.97 24.78
CA ASP B 84 16.10 4.78 24.78
C ASP B 84 16.46 3.50 24.04
N GLY B 85 17.52 3.55 23.26
CA GLY B 85 17.99 2.38 22.54
C GLY B 85 17.21 1.99 21.30
N MET B 86 16.16 2.75 20.97
CA MET B 86 15.35 2.44 19.79
C MET B 86 15.98 3.12 18.59
N LEU B 87 16.17 2.37 17.50
CA LEU B 87 16.84 2.88 16.30
C LEU B 87 16.29 2.19 15.09
N ALA B 88 15.89 2.92 14.05
CA ALA B 88 15.26 2.32 12.85
C ALA B 88 15.91 1.03 12.28
N ARG B 89 15.08 0.12 11.79
CA ARG B 89 15.56 -1.04 11.04
C ARG B 89 14.54 -1.42 9.96
N GLN B 90 15.02 -2.16 8.97
CA GLN B 90 14.18 -2.53 7.84
C GLN B 90 13.67 -3.94 8.08
N VAL B 91 12.36 -4.13 7.87
CA VAL B 91 11.73 -5.43 8.02
C VAL B 91 12.38 -6.44 7.04
N SER B 92 12.43 -7.70 7.46
CA SER B 92 12.96 -8.76 6.62
C SER B 92 11.90 -9.85 6.52
N GLU B 93 12.09 -10.77 5.59
CA GLU B 93 11.20 -11.91 5.47
C GLU B 93 11.17 -12.72 6.76
N GLN B 94 12.32 -12.90 7.39
CA GLN B 94 12.39 -13.66 8.64
C GLN B 94 11.48 -13.09 9.75
N ASP B 95 11.33 -11.77 9.79
CA ASP B 95 10.44 -11.11 10.74
C ASP B 95 9.03 -11.69 10.67
N LEU B 96 8.59 -12.03 9.46
CA LEU B 96 7.26 -12.60 9.26
C LEU B 96 7.08 -13.90 10.02
N ASP B 97 8.15 -14.68 10.14
CA ASP B 97 8.12 -15.94 10.88
C ASP B 97 8.31 -15.75 12.39
N ASP B 98 9.13 -14.78 12.76
CA ASP B 98 9.52 -14.60 14.16
C ASP B 98 8.42 -14.01 15.04
N PHE B 99 7.68 -13.05 14.50
CA PHE B 99 6.71 -12.28 15.29
C PHE B 99 5.31 -12.85 15.24
N ASP B 100 4.63 -12.90 16.37
CA ASP B 100 3.30 -13.50 16.43
C ASP B 100 2.26 -12.59 15.80
N TYR B 101 2.47 -11.29 15.99
CA TYR B 101 1.59 -10.27 15.44
C TYR B 101 2.42 -9.29 14.65
N ILE B 102 2.00 -9.02 13.42
CA ILE B 102 2.65 -8.01 12.58
C ILE B 102 1.59 -6.95 12.33
N ILE B 103 1.87 -5.75 12.85
CA ILE B 103 0.86 -4.72 12.93
C ILE B 103 1.27 -3.52 12.09
N ALA B 104 0.62 -3.40 10.92
CA ALA B 104 0.93 -2.35 9.97
C ALA B 104 0.22 -1.07 10.33
N MET B 105 0.77 0.05 9.89
CA MET B 105 0.14 1.33 10.15
C MET B 105 -0.91 1.69 9.10
N ASP B 106 -0.64 1.34 7.84
CA ASP B 106 -1.54 1.71 6.74
C ASP B 106 -1.60 0.64 5.65
N ALA B 107 -2.48 0.85 4.68
CA ALA B 107 -2.72 -0.13 3.62
C ALA B 107 -1.49 -0.34 2.74
N GLU B 108 -0.70 0.73 2.54
CA GLU B 108 0.53 0.59 1.76
C GLU B 108 1.43 -0.41 2.48
N ASN B 109 1.57 -0.26 3.79
CA ASN B 109 2.40 -1.19 4.58
C ASN B 109 1.90 -2.63 4.45
N ILE B 110 0.58 -2.81 4.47
CA ILE B 110 -0.01 -4.13 4.27
C ILE B 110 0.38 -4.74 2.92
N GLY B 111 0.28 -3.92 1.88
CA GLY B 111 0.68 -4.35 0.55
C GLY B 111 2.15 -4.76 0.50
N SER B 112 2.99 -3.99 1.18
CA SER B 112 4.42 -4.33 1.22
C SER B 112 4.64 -5.67 1.88
N LEU B 113 3.97 -5.87 3.00
CA LEU B 113 4.19 -7.04 3.83
C LEU B 113 3.66 -8.31 3.16
N ARG B 114 2.49 -8.21 2.54
CA ARG B 114 1.93 -9.36 1.82
C ARG B 114 2.79 -9.77 0.63
N SER B 115 3.28 -8.79 -0.11
CA SER B 115 4.17 -9.06 -1.25
C SER B 115 5.48 -9.71 -0.79
N MET B 116 6.04 -9.20 0.31
CA MET B 116 7.25 -9.79 0.89
C MET B 116 7.01 -11.24 1.30
N ALA B 117 5.81 -11.50 1.79
CA ALA B 117 5.43 -12.84 2.25
C ALA B 117 5.02 -13.77 1.11
N GLY B 118 5.06 -13.25 -0.12
CA GLY B 118 4.61 -13.99 -1.28
C GLY B 118 3.15 -14.38 -1.18
N PHE B 119 2.36 -13.55 -0.50
CA PHE B 119 0.92 -13.79 -0.32
C PHE B 119 0.59 -15.14 0.32
N LYS B 120 1.53 -15.62 1.13
CA LYS B 120 1.36 -16.87 1.88
C LYS B 120 1.57 -16.63 3.38
N ASN B 121 0.75 -17.28 4.20
CA ASN B 121 0.82 -17.18 5.65
C ASN B 121 0.80 -15.73 6.14
N THR B 122 -0.25 -14.99 5.79
CA THR B 122 -0.32 -13.59 6.17
C THR B 122 -1.47 -13.26 7.13
N SER B 123 -2.12 -14.28 7.67
N SER B 123 -2.10 -14.29 7.68
CA SER B 123 -3.26 -14.07 8.56
CA SER B 123 -3.24 -14.12 8.58
C SER B 123 -2.91 -13.22 9.78
C SER B 123 -2.91 -13.27 9.80
N HIS B 124 -1.63 -13.20 10.16
CA HIS B 124 -1.20 -12.47 11.35
C HIS B 124 -0.76 -11.04 11.05
N ILE B 125 -0.95 -10.63 9.79
CA ILE B 125 -0.58 -9.28 9.38
C ILE B 125 -1.86 -8.45 9.24
N LYS B 126 -2.03 -7.48 10.13
CA LYS B 126 -3.25 -6.66 10.19
C LYS B 126 -2.88 -5.20 10.45
N ARG B 127 -3.77 -4.28 10.10
CA ARG B 127 -3.56 -2.87 10.43
C ARG B 127 -3.88 -2.58 11.89
N LEU B 128 -3.17 -1.62 12.49
CA LEU B 128 -3.42 -1.25 13.88
C LEU B 128 -4.89 -0.87 14.11
N LEU B 129 -5.46 -0.06 13.23
CA LEU B 129 -6.84 0.35 13.46
C LEU B 129 -7.87 -0.74 13.16
N ASP B 130 -7.44 -1.88 12.62
CA ASP B 130 -8.33 -3.06 12.57
C ASP B 130 -8.84 -3.42 13.96
N TYR B 131 -8.06 -3.09 14.99
CA TYR B 131 -8.37 -3.48 16.35
C TYR B 131 -9.31 -2.51 17.05
N VAL B 132 -9.55 -1.37 16.41
CA VAL B 132 -10.42 -0.37 16.98
C VAL B 132 -11.80 -0.48 16.35
N GLU B 133 -12.74 -1.09 17.07
CA GLU B 133 -14.11 -1.20 16.60
C GLU B 133 -14.72 0.18 16.50
N ASP B 134 -15.64 0.34 15.55
CA ASP B 134 -16.03 1.65 15.03
C ASP B 134 -14.81 2.21 14.30
N SER B 135 -14.26 3.31 14.80
CA SER B 135 -13.11 3.97 14.18
C SER B 135 -13.41 4.42 12.74
N ASP B 136 -13.35 5.73 12.53
CA ASP B 136 -13.65 6.28 11.22
C ASP B 136 -12.52 5.97 10.25
N LEU B 137 -11.30 5.93 10.77
CA LEU B 137 -10.13 5.73 9.92
C LEU B 137 -9.64 4.29 9.93
N ALA B 138 -9.09 3.87 8.80
CA ALA B 138 -8.46 2.57 8.69
C ALA B 138 -6.94 2.67 8.75
N ASP B 139 -6.41 3.84 8.38
CA ASP B 139 -4.96 4.08 8.27
C ASP B 139 -4.47 5.13 9.26
N VAL B 140 -3.31 4.87 9.87
CA VAL B 140 -2.59 5.91 10.60
C VAL B 140 -1.77 6.68 9.56
N PRO B 141 -2.06 7.97 9.38
CA PRO B 141 -1.40 8.79 8.37
C PRO B 141 0.07 9.01 8.70
N ASP B 142 0.89 9.10 7.65
CA ASP B 142 2.33 9.26 7.78
C ASP B 142 2.61 10.73 8.02
N PRO B 143 3.08 11.07 9.24
CA PRO B 143 3.34 12.45 9.61
C PRO B 143 4.66 12.96 9.08
N TYR B 144 5.45 12.06 8.48
CA TYR B 144 6.64 12.49 7.80
C TYR B 144 6.14 13.40 6.69
N TYR B 145 4.96 13.06 6.14
CA TYR B 145 4.34 13.86 5.08
C TYR B 145 3.32 14.90 5.57
N THR B 146 2.51 14.58 6.58
CA THR B 146 1.49 15.50 7.05
C THR B 146 2.05 16.61 7.96
N GLY B 147 2.99 16.24 8.82
CA GLY B 147 3.43 17.09 9.90
C GLY B 147 2.53 16.92 11.12
N ASN B 148 1.54 16.05 11.01
CA ASN B 148 0.56 15.91 12.08
C ASN B 148 0.86 14.77 13.03
N PHE B 149 1.74 15.05 13.99
CA PHE B 149 2.12 14.05 14.97
C PHE B 149 1.08 13.88 16.06
N GLU B 150 0.30 14.93 16.34
CA GLU B 150 -0.70 14.88 17.39
C GLU B 150 -1.82 13.90 17.01
N GLU B 151 -2.26 14.00 15.76
CA GLU B 151 -3.30 13.11 15.23
C GLU B 151 -2.85 11.66 15.30
N VAL B 152 -1.62 11.42 14.84
CA VAL B 152 -1.00 10.11 14.92
C VAL B 152 -0.97 9.58 16.34
N CYS B 153 -0.52 10.40 17.29
CA CYS B 153 -0.46 9.99 18.68
C CYS B 153 -1.82 9.50 19.20
N GLN B 154 -2.87 10.29 18.97
CA GLN B 154 -4.22 9.89 19.39
C GLN B 154 -4.64 8.56 18.77
N LEU B 155 -4.37 8.39 17.47
CA LEU B 155 -4.76 7.18 16.76
C LEU B 155 -3.97 5.99 17.28
N ILE B 156 -2.68 6.19 17.54
CA ILE B 156 -1.83 5.11 18.00
C ILE B 156 -2.11 4.72 19.44
N LYS B 157 -2.39 5.70 20.30
CA LYS B 157 -2.77 5.40 21.68
C LYS B 157 -3.99 4.49 21.72
N THR B 158 -5.07 4.89 21.06
CA THR B 158 -6.29 4.09 21.09
C THR B 158 -6.08 2.72 20.45
N GLY B 159 -5.31 2.68 19.36
CA GLY B 159 -5.05 1.43 18.68
C GLY B 159 -4.26 0.47 19.54
N CYS B 160 -3.25 0.98 20.24
CA CYS B 160 -2.44 0.12 21.10
C CYS B 160 -3.26 -0.42 22.28
N GLU B 161 -4.11 0.43 22.85
CA GLU B 161 -4.95 0.01 23.97
C GLU B 161 -5.82 -1.16 23.53
N GLN B 162 -6.46 -1.03 22.37
CA GLN B 162 -7.39 -2.04 21.86
C GLN B 162 -6.67 -3.30 21.37
N LEU B 163 -5.46 -3.13 20.84
CA LEU B 163 -4.67 -4.26 20.42
C LEU B 163 -4.21 -5.10 21.61
N LEU B 164 -3.74 -4.42 22.66
CA LEU B 164 -3.31 -5.11 23.86
C LEU B 164 -4.45 -5.90 24.48
N ALA B 165 -5.63 -5.30 24.52
CA ALA B 165 -6.80 -5.96 25.08
C ALA B 165 -7.14 -7.21 24.27
N SER B 166 -7.05 -7.10 22.95
CA SER B 166 -7.36 -8.23 22.07
C SER B 166 -6.37 -9.38 22.26
N ILE B 167 -5.10 -9.03 22.42
CA ILE B 167 -4.06 -10.02 22.65
C ILE B 167 -4.24 -10.64 24.02
N GLN B 168 -4.55 -9.80 25.01
CA GLN B 168 -4.74 -10.27 26.38
C GLN B 168 -5.85 -11.30 26.43
N LYS B 169 -6.94 -11.01 25.73
CA LYS B 169 -8.09 -11.91 25.66
C LYS B 169 -7.75 -13.23 24.97
N GLU B 170 -7.25 -13.12 23.74
CA GLU B 170 -6.97 -14.29 22.90
C GLU B 170 -5.89 -15.22 23.47
N LYS B 171 -4.95 -14.67 24.24
CA LYS B 171 -3.79 -15.45 24.65
C LYS B 171 -3.70 -15.87 26.13
N GLN B 172 -4.70 -15.52 26.94
CA GLN B 172 -4.68 -15.96 28.36
C GLN B 172 -5.98 -16.68 28.72
#